data_8GB7
#
_entry.id   8GB7
#
_cell.length_a   44.751
_cell.length_b   131.421
_cell.length_c   174.054
_cell.angle_alpha   90.00
_cell.angle_beta   90.00
_cell.angle_gamma   90.00
#
_symmetry.space_group_name_H-M   'P 21 21 21'
#
loop_
_entity.id
_entity.type
_entity.pdbx_description
1 polymer '20A7 Heavy chain'
2 polymer '20A7 Light chain'
3 polymer 'Spike protein S1'
4 branched 2-acetamido-2-deoxy-beta-D-glucopyranose-(1-4)-2-acetamido-2-deoxy-beta-D-glucopyranose
5 water water
#
loop_
_entity_poly.entity_id
_entity_poly.type
_entity_poly.pdbx_seq_one_letter_code
_entity_poly.pdbx_strand_id
1 'polypeptide(L)'
;DVQLVESGGGLVKPGGSLRLSCVASGFTFSNSEMHWVRQAPGKGLEWVSVISESGETTHYADSVKGRFTISRDNANNLLL
LQMNSLRADDTAVYYCTRYNWNNRVYALDSWGQGVVVTVSSASTKGPSVFPLAPSSKSTSGGTAALGCLVKDYFPEPVTV
SWNSGALTSGVHTFPAVLQSSGLYSLSSVVTVPSSSLGTQTYICNVNHKPSNTKVDKKVEPKSC
;
H
2 'polypeptide(L)'
;EIVLTQSPATLSLSPGEGASLSCRASQTVIGSLAWYQQKPGQAPRLLIYGASSRATGIPDRFSGSGSGTDFTLTISSLEP
EDFAVYYCQQYGNWPLTFGPGTRLDIRRTVAAPSVFIFPPSDEQLKSGTASVVCLLNNFYPREAKVQWKVDNALQSGNSQ
ESVTEQDSKDSTYSLSSTLTLSKADYEKHKVYACEVTHQGLSSPVTKSFNRGEC
;
L
3 'polypeptide(L)'
;TNLCPFGEVFNATRFASVYAWNRKRISNCVADYSVLYNSASFSTFKCYGVSPTKLNDLCFTNVYADSFVIRGDEVRQIAP
GQTGKIADYNYKLPDDFTGCVIAWNSNNLDSKVGGNYNYLYRLFRKSNLKPFERDISTEIYQAGSTPCNGVEGFNCYFPL
QSYGFQPTNGVGYQPYRVVVLSFELLHAPATVCGPKKSGHHHHHH
;
A
#
# COMPACT_ATOMS: atom_id res chain seq x y z
N ASP A 1 -0.13 26.60 1.75
CA ASP A 1 0.71 25.41 1.94
C ASP A 1 -0.13 24.14 1.76
N VAL A 2 0.45 23.16 1.08
CA VAL A 2 -0.27 21.92 0.78
C VAL A 2 -0.32 21.06 2.02
N GLN A 3 -1.51 20.56 2.35
CA GLN A 3 -1.70 19.75 3.53
C GLN A 3 -2.84 18.76 3.32
N LEU A 4 -2.63 17.53 3.80
CA LEU A 4 -3.64 16.48 3.81
C LEU A 4 -3.74 15.94 5.21
N VAL A 5 -4.93 16.03 5.82
CA VAL A 5 -5.13 15.63 7.21
C VAL A 5 -6.16 14.50 7.24
N GLU A 6 -5.77 13.37 7.78
CA GLU A 6 -6.60 12.17 7.78
C GLU A 6 -7.23 11.93 9.14
N SER A 7 -8.36 11.22 9.14
CA SER A 7 -9.10 10.92 10.35
C SER A 7 -9.94 9.67 10.12
N GLY A 8 -10.42 9.11 11.22
CA GLY A 8 -11.41 8.04 11.18
C GLY A 8 -10.89 6.65 11.49
N GLY A 9 -9.61 6.50 11.80
CA GLY A 9 -9.11 5.18 12.12
C GLY A 9 -9.47 4.75 13.52
N GLY A 10 -9.22 3.48 13.79
CA GLY A 10 -9.48 2.95 15.12
C GLY A 10 -9.52 1.43 15.11
N LEU A 11 -10.06 0.90 16.19
CA LEU A 11 -10.20 -0.54 16.35
C LEU A 11 -11.52 -1.00 15.74
N VAL A 12 -11.49 -2.14 15.08
CA VAL A 12 -12.69 -2.72 14.46
C VAL A 12 -12.60 -4.23 14.57
N LYS A 13 -13.72 -4.87 14.85
CA LYS A 13 -13.69 -6.32 14.93
C LYS A 13 -13.75 -6.93 13.54
N PRO A 14 -13.23 -8.15 13.37
CA PRO A 14 -13.27 -8.80 12.06
C PRO A 14 -14.70 -8.86 11.53
N GLY A 15 -14.84 -8.55 10.24
CA GLY A 15 -16.15 -8.40 9.65
C GLY A 15 -16.73 -7.01 9.75
N GLY A 16 -16.12 -6.13 10.55
CA GLY A 16 -16.66 -4.81 10.76
C GLY A 16 -16.37 -3.85 9.62
N SER A 17 -16.93 -2.65 9.75
CA SER A 17 -16.76 -1.60 8.77
C SER A 17 -16.09 -0.40 9.43
N LEU A 18 -15.52 0.46 8.59
CA LEU A 18 -14.75 1.61 9.07
C LEU A 18 -14.60 2.59 7.92
N ARG A 19 -14.79 3.87 8.19
CA ARG A 19 -14.79 4.88 7.15
C ARG A 19 -13.67 5.86 7.44
N LEU A 20 -12.66 5.88 6.58
CA LEU A 20 -11.54 6.80 6.70
C LEU A 20 -11.81 8.04 5.87
N SER A 21 -11.23 9.15 6.30
CA SER A 21 -11.50 10.44 5.71
C SER A 21 -10.18 11.21 5.59
N CYS A 22 -10.09 12.07 4.58
CA CYS A 22 -8.92 12.89 4.33
C CYS A 22 -9.42 14.24 3.88
N VAL A 23 -8.92 15.30 4.50
CA VAL A 23 -9.32 16.67 4.20
C VAL A 23 -8.10 17.36 3.58
N ALA A 24 -8.33 18.04 2.47
CA ALA A 24 -7.27 18.64 1.68
C ALA A 24 -7.30 20.16 1.86
N SER A 25 -6.12 20.77 1.79
CA SER A 25 -6.04 22.22 1.90
C SER A 25 -4.75 22.69 1.25
N GLY A 26 -4.78 23.93 0.73
CA GLY A 26 -3.62 24.52 0.11
C GLY A 26 -3.41 24.15 -1.34
N PHE A 27 -4.38 23.49 -1.98
CA PHE A 27 -4.28 23.19 -3.40
C PHE A 27 -5.70 22.95 -3.92
N THR A 28 -5.80 22.88 -5.25
CA THR A 28 -7.11 22.69 -5.91
C THR A 28 -7.46 21.22 -5.83
N PHE A 29 -8.26 20.86 -4.82
CA PHE A 29 -8.61 19.46 -4.60
C PHE A 29 -9.36 18.87 -5.78
N SER A 30 -10.27 19.65 -6.38
CA SER A 30 -11.08 19.17 -7.49
C SER A 30 -10.26 18.89 -8.75
N ASN A 31 -9.02 19.36 -8.82
CA ASN A 31 -8.13 19.10 -9.95
C ASN A 31 -7.05 18.07 -9.62
N SER A 32 -7.30 17.21 -8.62
CA SER A 32 -6.27 16.31 -8.11
C SER A 32 -6.81 14.89 -8.07
N GLU A 33 -6.11 13.97 -8.73
CA GLU A 33 -6.39 12.55 -8.57
C GLU A 33 -5.83 12.08 -7.24
N MET A 34 -6.60 11.26 -6.52
CA MET A 34 -6.18 10.86 -5.19
C MET A 34 -6.15 9.34 -5.06
N HIS A 35 -5.30 8.87 -4.15
CA HIS A 35 -5.08 7.47 -3.88
C HIS A 35 -5.07 7.24 -2.37
N TRP A 36 -5.49 6.05 -1.98
CA TRP A 36 -5.22 5.51 -0.65
C TRP A 36 -4.15 4.44 -0.79
N VAL A 37 -3.12 4.53 0.06
CA VAL A 37 -1.99 3.61 0.11
C VAL A 37 -1.81 3.16 1.56
N ARG A 38 -1.62 1.87 1.78
CA ARG A 38 -1.51 1.37 3.16
C ARG A 38 -0.18 0.70 3.40
N GLN A 39 0.20 0.62 4.68
CA GLN A 39 1.45 0.01 5.09
C GLN A 39 1.20 -0.78 6.38
N ALA A 40 1.28 -2.11 6.28
CA ALA A 40 1.15 -2.96 7.46
C ALA A 40 2.37 -2.80 8.37
N PRO A 41 2.22 -3.09 9.67
CA PRO A 41 3.34 -2.93 10.58
C PRO A 41 4.54 -3.79 10.16
N GLY A 42 5.69 -3.14 10.02
CA GLY A 42 6.91 -3.83 9.65
C GLY A 42 7.01 -4.22 8.19
N LYS A 43 6.07 -3.78 7.36
CA LYS A 43 6.04 -4.14 5.94
C LYS A 43 6.22 -2.89 5.08
N GLY A 44 6.12 -3.08 3.77
CA GLY A 44 6.32 -2.01 2.82
C GLY A 44 5.02 -1.30 2.45
N LEU A 45 5.13 -0.44 1.45
CA LEU A 45 3.97 0.27 0.93
C LEU A 45 3.16 -0.62 0.01
N GLU A 46 1.84 -0.53 0.12
CA GLU A 46 0.95 -1.28 -0.74
C GLU A 46 -0.19 -0.37 -1.20
N TRP A 47 -0.37 -0.28 -2.52
CA TRP A 47 -1.42 0.56 -3.08
C TRP A 47 -2.79 -0.05 -2.80
N VAL A 48 -3.75 0.81 -2.47
CA VAL A 48 -5.11 0.38 -2.14
C VAL A 48 -6.10 0.79 -3.22
N SER A 49 -6.14 2.08 -3.56
CA SER A 49 -7.24 2.53 -4.41
C SER A 49 -6.94 3.90 -5.01
N VAL A 50 -7.62 4.21 -6.11
CA VAL A 50 -7.47 5.50 -6.79
C VAL A 50 -8.84 6.00 -7.24
N ILE A 51 -9.03 7.32 -7.14
CA ILE A 51 -10.20 8.00 -7.69
C ILE A 51 -9.74 9.22 -8.48
N SER A 52 -10.38 9.44 -9.63
CA SER A 52 -10.03 10.54 -10.51
C SER A 52 -10.52 11.86 -9.93
N GLU A 53 -10.15 12.95 -10.62
CA GLU A 53 -10.44 14.29 -10.12
C GLU A 53 -11.94 14.52 -9.98
N SER A 54 -12.72 14.10 -10.99
CA SER A 54 -14.16 14.29 -10.97
C SER A 54 -14.89 13.25 -10.14
N GLY A 55 -14.23 12.15 -9.79
CA GLY A 55 -14.88 11.07 -9.08
C GLY A 55 -15.52 10.01 -9.95
N GLU A 56 -15.53 10.20 -11.27
CA GLU A 56 -16.22 9.27 -12.15
C GLU A 56 -15.42 8.01 -12.45
N THR A 57 -14.12 7.99 -12.17
CA THR A 57 -13.30 6.80 -12.41
C THR A 57 -12.58 6.40 -11.14
N THR A 58 -12.73 5.13 -10.75
CA THR A 58 -12.07 4.57 -9.59
C THR A 58 -11.45 3.24 -9.97
N HIS A 59 -10.39 2.87 -9.28
CA HIS A 59 -9.77 1.57 -9.45
C HIS A 59 -9.28 1.07 -8.10
N TYR A 60 -9.26 -0.26 -7.95
CA TYR A 60 -8.97 -0.89 -6.67
C TYR A 60 -7.93 -2.00 -6.84
N ALA A 61 -7.19 -2.25 -5.77
CA ALA A 61 -6.37 -3.44 -5.69
C ALA A 61 -7.27 -4.67 -5.53
N ASP A 62 -6.74 -5.81 -5.93
CA ASP A 62 -7.55 -7.02 -5.98
C ASP A 62 -8.03 -7.44 -4.59
N SER A 63 -7.16 -7.33 -3.59
CA SER A 63 -7.48 -7.82 -2.25
C SER A 63 -8.60 -7.01 -1.57
N VAL A 64 -8.85 -5.77 -2.00
CA VAL A 64 -9.88 -4.95 -1.38
C VAL A 64 -11.05 -4.65 -2.30
N LYS A 65 -10.97 -5.03 -3.58
CA LYS A 65 -12.06 -4.75 -4.51
C LYS A 65 -13.32 -5.46 -4.06
N GLY A 66 -14.46 -4.77 -4.19
CA GLY A 66 -15.72 -5.27 -3.70
C GLY A 66 -15.95 -5.10 -2.21
N ARG A 67 -14.88 -4.92 -1.42
CA ARG A 67 -15.01 -4.64 0.00
C ARG A 67 -14.81 -3.18 0.34
N PHE A 68 -13.94 -2.49 -0.38
CA PHE A 68 -13.67 -1.08 -0.17
C PHE A 68 -14.38 -0.25 -1.23
N THR A 69 -14.66 1.00 -0.90
CA THR A 69 -15.18 1.96 -1.85
C THR A 69 -14.50 3.30 -1.61
N ILE A 70 -13.88 3.84 -2.64
CA ILE A 70 -13.29 5.17 -2.56
C ILE A 70 -14.31 6.17 -3.08
N SER A 71 -14.32 7.36 -2.48
CA SER A 71 -15.28 8.38 -2.90
C SER A 71 -14.72 9.74 -2.56
N ARG A 72 -15.33 10.78 -3.13
CA ARG A 72 -14.86 12.13 -2.86
C ARG A 72 -16.05 13.09 -2.88
N ASP A 73 -15.89 14.17 -2.14
CA ASP A 73 -16.80 15.32 -2.13
C ASP A 73 -15.92 16.53 -2.40
N ASN A 74 -15.88 16.95 -3.67
CA ASN A 74 -14.97 18.03 -4.07
C ASN A 74 -15.39 19.36 -3.48
N ALA A 75 -16.69 19.54 -3.22
CA ALA A 75 -17.17 20.79 -2.62
C ALA A 75 -16.58 20.97 -1.23
N ASN A 76 -16.49 19.89 -0.45
CA ASN A 76 -15.99 19.93 0.91
C ASN A 76 -14.53 19.51 1.02
N ASN A 77 -13.81 19.40 -0.10
CA ASN A 77 -12.39 19.03 -0.11
C ASN A 77 -12.16 17.71 0.65
N LEU A 78 -13.04 16.75 0.40
CA LEU A 78 -13.09 15.52 1.20
C LEU A 78 -12.82 14.30 0.34
N LEU A 79 -11.99 13.40 0.86
CA LEU A 79 -11.76 12.09 0.26
C LEU A 79 -12.07 11.03 1.28
N LEU A 80 -12.76 9.97 0.86
CA LEU A 80 -13.25 8.96 1.78
C LEU A 80 -12.90 7.57 1.29
N LEU A 81 -12.67 6.67 2.25
CA LEU A 81 -12.49 5.24 1.98
C LEU A 81 -13.40 4.47 2.92
N GLN A 82 -14.46 3.88 2.39
CA GLN A 82 -15.35 3.02 3.16
C GLN A 82 -14.82 1.60 3.06
N MET A 83 -14.43 1.01 4.18
CA MET A 83 -13.91 -0.34 4.23
C MET A 83 -14.92 -1.24 4.93
N ASN A 84 -15.36 -2.30 4.25
CA ASN A 84 -16.28 -3.27 4.80
C ASN A 84 -15.62 -4.64 4.84
N SER A 85 -16.18 -5.54 5.65
CA SER A 85 -15.70 -6.92 5.76
C SER A 85 -14.20 -6.95 6.04
N LEU A 86 -13.78 -6.15 7.03
CA LEU A 86 -12.37 -6.06 7.36
C LEU A 86 -11.87 -7.36 7.96
N ARG A 87 -10.61 -7.68 7.68
CA ARG A 87 -9.94 -8.84 8.23
C ARG A 87 -8.61 -8.41 8.83
N ALA A 88 -7.93 -9.35 9.46
CA ALA A 88 -6.63 -9.07 10.07
C ALA A 88 -5.64 -8.52 9.04
N ASP A 89 -5.71 -9.01 7.80
CA ASP A 89 -4.80 -8.54 6.74
C ASP A 89 -4.89 -7.03 6.56
N ASP A 90 -6.04 -6.44 6.86
CA ASP A 90 -6.24 -5.02 6.60
C ASP A 90 -5.60 -4.13 7.65
N THR A 91 -5.08 -4.70 8.73
CA THR A 91 -4.40 -3.91 9.75
C THR A 91 -3.22 -3.18 9.14
N ALA A 92 -3.25 -1.85 9.20
CA ALA A 92 -2.20 -1.07 8.57
C ALA A 92 -2.38 0.41 8.91
N VAL A 93 -1.35 1.18 8.63
CA VAL A 93 -1.45 2.64 8.57
C VAL A 93 -1.92 3.01 7.17
N TYR A 94 -2.99 3.79 7.08
CA TYR A 94 -3.56 4.18 5.79
C TYR A 94 -3.21 5.64 5.52
N TYR A 95 -2.71 5.89 4.31
CA TYR A 95 -2.26 7.19 3.85
C TYR A 95 -3.15 7.64 2.71
N CYS A 96 -3.42 8.92 2.68
CA CYS A 96 -4.08 9.58 1.56
C CYS A 96 -3.00 10.35 0.80
N THR A 97 -3.06 10.32 -0.52
CA THR A 97 -1.98 10.94 -1.29
C THR A 97 -2.47 11.38 -2.68
N ARG A 98 -1.86 12.44 -3.19
CA ARG A 98 -2.24 12.99 -4.49
C ARG A 98 -1.26 12.55 -5.57
N TYR A 99 -1.80 12.23 -6.75
CA TYR A 99 -0.98 11.94 -7.93
C TYR A 99 -1.05 13.17 -8.85
N ASN A 100 0.00 13.99 -8.81
CA ASN A 100 -0.03 15.35 -9.33
C ASN A 100 0.29 15.43 -10.82
N TRP A 101 -0.40 14.65 -11.64
CA TRP A 101 -0.04 14.64 -13.06
C TRP A 101 -0.43 15.94 -13.75
N ASN A 102 -1.50 16.58 -13.30
CA ASN A 102 -1.95 17.82 -13.91
C ASN A 102 -0.93 18.95 -13.74
N ASN A 103 0.02 18.79 -12.82
CA ASN A 103 1.09 19.75 -12.64
C ASN A 103 2.43 19.17 -13.11
N ARG A 104 2.40 18.15 -13.96
CA ARG A 104 3.58 17.53 -14.55
C ARG A 104 4.49 16.91 -13.49
N VAL A 105 3.92 16.52 -12.35
CA VAL A 105 4.63 15.76 -11.33
C VAL A 105 3.99 14.38 -11.27
N TYR A 106 4.54 13.42 -12.01
CA TYR A 106 3.88 12.13 -12.21
C TYR A 106 4.30 11.15 -11.11
N ALA A 107 3.88 11.46 -9.88
CA ALA A 107 4.17 10.62 -8.74
C ALA A 107 3.28 11.03 -7.57
N LEU A 108 3.32 10.23 -6.51
CA LEU A 108 2.55 10.51 -5.32
C LEU A 108 3.17 11.69 -4.58
N ASP A 109 2.62 12.87 -4.87
CA ASP A 109 3.24 14.13 -4.52
C ASP A 109 3.14 14.41 -3.03
N SER A 110 1.91 14.57 -2.55
CA SER A 110 1.64 15.02 -1.19
C SER A 110 1.01 13.89 -0.40
N TRP A 111 1.45 13.70 0.84
CA TRP A 111 0.98 12.60 1.66
C TRP A 111 0.33 13.13 2.94
N GLY A 112 -0.69 12.42 3.40
CA GLY A 112 -1.24 12.68 4.72
C GLY A 112 -0.34 12.10 5.79
N GLN A 113 -0.71 12.36 7.04
CA GLN A 113 0.07 11.86 8.16
C GLN A 113 -0.14 10.37 8.42
N GLY A 114 -1.16 9.77 7.82
CA GLY A 114 -1.43 8.37 8.04
C GLY A 114 -2.29 8.14 9.27
N VAL A 115 -3.17 7.15 9.23
CA VAL A 115 -4.03 6.86 10.37
C VAL A 115 -4.05 5.36 10.60
N VAL A 116 -3.99 4.94 11.87
CA VAL A 116 -3.88 3.53 12.22
C VAL A 116 -5.24 2.86 12.10
N VAL A 117 -5.25 1.66 11.51
CA VAL A 117 -6.44 0.82 11.47
C VAL A 117 -6.03 -0.56 11.96
N THR A 118 -6.68 -1.03 13.02
CA THR A 118 -6.40 -2.34 13.59
C THR A 118 -7.67 -3.18 13.55
N VAL A 119 -7.57 -4.37 12.97
CA VAL A 119 -8.67 -5.31 12.88
C VAL A 119 -8.32 -6.49 13.75
N SER A 120 -9.07 -6.67 14.85
CA SER A 120 -8.77 -7.69 15.84
C SER A 120 -10.00 -7.92 16.70
N SER A 121 -10.15 -9.16 17.16
CA SER A 121 -11.23 -9.52 18.07
C SER A 121 -10.86 -9.31 19.53
N ALA A 122 -9.61 -8.92 19.81
CA ALA A 122 -9.16 -8.76 21.18
C ALA A 122 -9.85 -7.57 21.83
N SER A 123 -9.91 -7.60 23.15
CA SER A 123 -10.50 -6.55 23.96
C SER A 123 -9.41 -5.80 24.72
N THR A 124 -9.73 -4.57 25.13
CA THR A 124 -8.79 -3.75 25.86
C THR A 124 -8.36 -4.47 27.14
N LYS A 125 -7.04 -4.55 27.35
CA LYS A 125 -6.50 -5.23 28.52
C LYS A 125 -5.20 -4.55 28.91
N GLY A 126 -5.05 -4.26 30.20
CA GLY A 126 -3.82 -3.68 30.71
C GLY A 126 -2.68 -4.68 30.70
N PRO A 127 -1.46 -4.20 30.57
CA PRO A 127 -0.31 -5.10 30.58
C PRO A 127 0.06 -5.55 31.98
N SER A 128 0.71 -6.70 32.05
CA SER A 128 1.39 -7.14 33.25
C SER A 128 2.87 -6.85 33.10
N VAL A 129 3.47 -6.29 34.15
CA VAL A 129 4.88 -5.92 34.12
C VAL A 129 5.62 -6.89 35.02
N PHE A 130 6.57 -7.63 34.44
CA PHE A 130 7.37 -8.60 35.17
C PHE A 130 8.83 -8.16 35.15
N PRO A 131 9.58 -8.47 36.21
CA PRO A 131 10.98 -8.01 36.26
C PRO A 131 11.95 -8.99 35.61
N LEU A 132 12.81 -8.49 34.72
CA LEU A 132 13.98 -9.23 34.25
C LEU A 132 15.12 -8.84 35.17
N ALA A 133 15.32 -9.63 36.22
CA ALA A 133 16.31 -9.30 37.25
C ALA A 133 17.73 -9.53 36.74
N PRO A 134 18.70 -8.81 37.28
CA PRO A 134 20.09 -9.03 36.89
C PRO A 134 20.78 -10.07 37.77
N SER A 135 22.00 -10.41 37.41
CA SER A 135 22.85 -11.27 38.24
C SER A 135 24.33 -11.06 37.98
N THR A 143 29.53 -5.10 33.98
CA THR A 143 28.26 -4.47 33.67
C THR A 143 27.15 -5.51 33.53
N ALA A 144 26.07 -5.32 34.29
CA ALA A 144 24.93 -6.22 34.29
C ALA A 144 23.81 -5.64 33.43
N ALA A 145 22.80 -6.46 33.17
CA ALA A 145 21.66 -6.07 32.38
C ALA A 145 20.39 -6.44 33.13
N LEU A 146 19.46 -5.49 33.23
CA LEU A 146 18.17 -5.73 33.86
C LEU A 146 17.08 -5.15 32.97
N GLY A 147 15.84 -5.45 33.28
CA GLY A 147 14.78 -4.93 32.44
C GLY A 147 13.39 -5.24 32.95
N CYS A 148 12.42 -4.91 32.11
CA CYS A 148 11.01 -5.13 32.37
C CYS A 148 10.38 -5.81 31.16
N LEU A 149 9.53 -6.78 31.43
CA LEU A 149 8.74 -7.48 30.41
C LEU A 149 7.30 -7.00 30.55
N VAL A 150 6.81 -6.31 29.52
CA VAL A 150 5.47 -5.76 29.50
C VAL A 150 4.64 -6.67 28.60
N LYS A 151 3.78 -7.49 29.19
CA LYS A 151 3.16 -8.60 28.48
C LYS A 151 1.64 -8.52 28.51
N ASP A 152 1.03 -8.99 27.42
CA ASP A 152 -0.41 -9.25 27.35
C ASP A 152 -1.23 -7.97 27.54
N TYR A 153 -1.03 -7.02 26.62
CA TYR A 153 -1.82 -5.81 26.60
C TYR A 153 -2.45 -5.60 25.22
N PHE A 154 -3.51 -4.81 25.21
CA PHE A 154 -4.22 -4.48 23.97
C PHE A 154 -5.06 -3.23 24.19
N PRO A 155 -5.05 -2.26 23.25
CA PRO A 155 -4.23 -2.27 22.04
C PRO A 155 -2.94 -1.50 22.22
N GLU A 156 -2.25 -1.21 21.11
CA GLU A 156 -1.12 -0.31 21.14
C GLU A 156 -1.59 1.10 21.48
N PRO A 157 -0.73 1.92 22.13
CA PRO A 157 0.64 1.63 22.50
C PRO A 157 0.88 1.49 23.99
N VAL A 158 2.11 1.19 24.35
CA VAL A 158 2.60 1.24 25.72
C VAL A 158 3.86 2.09 25.73
N THR A 159 3.98 2.98 26.71
CA THR A 159 5.19 3.76 26.88
C THR A 159 5.97 3.24 28.08
N VAL A 160 7.30 3.31 28.00
CA VAL A 160 8.19 2.84 29.05
C VAL A 160 9.26 3.89 29.30
N SER A 161 9.54 4.14 30.57
CA SER A 161 10.67 4.97 30.96
C SER A 161 11.34 4.34 32.19
N TRP A 162 12.54 4.80 32.49
CA TRP A 162 13.31 4.30 33.62
C TRP A 162 13.64 5.46 34.55
N ASN A 163 13.31 5.29 35.84
CA ASN A 163 13.50 6.33 36.85
C ASN A 163 12.85 7.65 36.42
N SER A 164 11.63 7.52 35.88
CA SER A 164 10.81 8.67 35.48
C SER A 164 11.56 9.59 34.50
N GLY A 165 12.29 8.97 33.58
CA GLY A 165 13.00 9.70 32.56
C GLY A 165 14.40 10.13 32.93
N ALA A 166 14.80 9.94 34.18
CA ALA A 166 16.15 10.31 34.58
C ALA A 166 17.21 9.40 33.97
N LEU A 167 16.84 8.15 33.66
CA LEU A 167 17.77 7.14 33.16
C LEU A 167 17.40 6.82 31.72
N THR A 168 18.30 7.18 30.79
CA THR A 168 18.15 6.85 29.37
C THR A 168 19.37 6.20 28.76
N SER A 169 20.57 6.43 29.31
CA SER A 169 21.77 5.84 28.74
C SER A 169 21.71 4.33 28.84
N GLY A 170 22.00 3.65 27.72
CA GLY A 170 21.98 2.20 27.71
C GLY A 170 20.61 1.57 27.77
N VAL A 171 19.55 2.35 27.58
CA VAL A 171 18.19 1.82 27.54
C VAL A 171 17.87 1.36 26.13
N HIS A 172 17.22 0.21 26.01
CA HIS A 172 16.68 -0.29 24.75
C HIS A 172 15.26 -0.76 25.01
N THR A 173 14.28 -0.07 24.44
CA THR A 173 12.88 -0.47 24.52
C THR A 173 12.50 -1.07 23.18
N PHE A 174 12.32 -2.36 23.16
CA PHE A 174 12.14 -3.08 21.92
C PHE A 174 10.76 -2.83 21.33
N PRO A 175 10.63 -2.88 20.00
CA PRO A 175 9.31 -2.80 19.39
C PRO A 175 8.42 -3.95 19.88
N ALA A 176 7.15 -3.65 20.07
CA ALA A 176 6.20 -4.67 20.49
C ALA A 176 6.03 -5.72 19.40
N VAL A 177 5.75 -6.94 19.82
CA VAL A 177 5.38 -8.01 18.90
C VAL A 177 3.93 -8.41 19.19
N LEU A 178 3.28 -8.95 18.17
CA LEU A 178 1.90 -9.42 18.27
C LEU A 178 1.95 -10.94 18.45
N GLN A 179 1.56 -11.40 19.63
CA GLN A 179 1.61 -12.81 19.97
C GLN A 179 0.41 -13.54 19.35
N SER A 180 0.48 -14.88 19.36
CA SER A 180 -0.56 -15.69 18.76
C SER A 180 -1.94 -15.40 19.36
N SER A 181 -1.98 -15.07 20.65
CA SER A 181 -3.24 -14.82 21.34
C SER A 181 -3.93 -13.55 20.88
N GLY A 182 -3.27 -12.71 20.10
CA GLY A 182 -3.81 -11.41 19.73
C GLY A 182 -3.45 -10.28 20.67
N LEU A 183 -2.68 -10.56 21.71
CA LEU A 183 -2.22 -9.56 22.67
C LEU A 183 -0.78 -9.18 22.38
N TYR A 184 -0.41 -7.96 22.75
CA TYR A 184 0.91 -7.43 22.47
C TYR A 184 1.86 -7.68 23.63
N SER A 185 3.14 -7.74 23.32
CA SER A 185 4.16 -7.90 24.34
C SER A 185 5.41 -7.16 23.90
N LEU A 186 6.21 -6.77 24.89
CA LEU A 186 7.31 -5.84 24.69
C LEU A 186 8.32 -6.05 25.81
N SER A 187 9.57 -5.69 25.55
CA SER A 187 10.61 -5.74 26.57
C SER A 187 11.40 -4.44 26.54
N SER A 188 11.82 -3.98 27.72
CA SER A 188 12.66 -2.81 27.84
C SER A 188 13.80 -3.16 28.80
N VAL A 189 15.04 -3.01 28.33
CA VAL A 189 16.20 -3.39 29.12
C VAL A 189 17.16 -2.22 29.24
N VAL A 190 18.05 -2.33 30.22
CA VAL A 190 19.08 -1.33 30.46
C VAL A 190 20.30 -2.05 31.01
N THR A 191 21.47 -1.71 30.48
CA THR A 191 22.74 -2.19 31.00
C THR A 191 23.31 -1.14 31.95
N VAL A 192 23.78 -1.59 33.11
CA VAL A 192 24.23 -0.72 34.19
C VAL A 192 25.50 -1.30 34.78
N PRO A 193 26.28 -0.48 35.50
CA PRO A 193 27.42 -1.03 36.24
C PRO A 193 26.96 -2.07 37.26
N SER A 194 27.74 -3.15 37.38
CA SER A 194 27.40 -4.20 38.33
C SER A 194 27.49 -3.72 39.77
N SER A 195 28.35 -2.73 40.03
CA SER A 195 28.51 -2.23 41.39
C SER A 195 27.25 -1.56 41.91
N SER A 196 26.45 -0.97 41.03
CA SER A 196 25.29 -0.19 41.43
C SER A 196 24.05 -1.05 41.64
N LEU A 197 24.16 -2.38 41.51
CA LEU A 197 22.98 -3.23 41.63
C LEU A 197 22.39 -3.17 43.04
N GLY A 198 23.23 -3.08 44.07
CA GLY A 198 22.73 -3.06 45.42
C GLY A 198 22.40 -1.69 45.96
N THR A 199 23.00 -0.64 45.39
CA THR A 199 22.83 0.72 45.88
C THR A 199 21.83 1.50 45.02
N GLN A 200 22.09 1.61 43.72
CA GLN A 200 21.20 2.33 42.83
C GLN A 200 19.88 1.59 42.67
N THR A 201 18.79 2.35 42.63
CA THR A 201 17.46 1.79 42.44
C THR A 201 17.04 1.96 40.98
N TYR A 202 16.39 0.93 40.44
CA TYR A 202 15.94 0.93 39.06
C TYR A 202 14.45 0.61 39.02
N ILE A 203 13.66 1.57 38.57
CA ILE A 203 12.22 1.43 38.48
C ILE A 203 11.81 1.71 37.04
N CYS A 204 11.02 0.80 36.46
CA CYS A 204 10.48 1.02 35.13
C CYS A 204 9.02 1.46 35.24
N ASN A 205 8.71 2.55 34.54
CA ASN A 205 7.38 3.14 34.51
C ASN A 205 6.73 2.76 33.19
N VAL A 206 5.62 2.03 33.27
CA VAL A 206 4.89 1.50 32.12
C VAL A 206 3.52 2.18 32.11
N ASN A 207 3.20 2.84 31.00
CA ASN A 207 1.94 3.53 30.84
C ASN A 207 1.19 2.93 29.67
N HIS A 208 -0.05 2.51 29.91
CA HIS A 208 -0.95 2.01 28.87
C HIS A 208 -2.24 2.81 29.01
N LYS A 209 -2.31 3.93 28.30
CA LYS A 209 -3.46 4.81 28.36
C LYS A 209 -4.77 4.14 27.96
N PRO A 210 -4.85 3.30 26.93
CA PRO A 210 -6.17 2.74 26.53
C PRO A 210 -6.89 2.04 27.66
N SER A 211 -6.18 1.47 28.62
CA SER A 211 -6.79 0.82 29.77
C SER A 211 -6.59 1.59 31.07
N ASN A 212 -6.07 2.81 30.98
CA ASN A 212 -5.80 3.64 32.16
C ASN A 212 -4.86 2.94 33.14
N THR A 213 -3.87 2.24 32.59
CA THR A 213 -2.94 1.47 33.41
C THR A 213 -1.63 2.23 33.57
N LYS A 214 -1.19 2.37 34.81
CA LYS A 214 0.12 2.95 35.11
C LYS A 214 0.78 2.08 36.16
N VAL A 215 1.95 1.52 35.83
CA VAL A 215 2.65 0.58 36.71
C VAL A 215 4.08 1.05 36.88
N ASP A 216 4.52 1.19 38.13
CA ASP A 216 5.91 1.50 38.44
C ASP A 216 6.49 0.29 39.15
N LYS A 217 7.30 -0.50 38.44
CA LYS A 217 7.85 -1.74 38.97
C LYS A 217 9.34 -1.59 39.24
N LYS A 218 9.75 -1.89 40.47
CA LYS A 218 11.15 -1.84 40.86
C LYS A 218 11.82 -3.17 40.54
N VAL A 219 12.99 -3.11 39.92
CA VAL A 219 13.72 -4.29 39.47
C VAL A 219 14.98 -4.41 40.32
N GLU A 220 15.07 -5.48 41.09
CA GLU A 220 16.17 -5.71 42.01
C GLU A 220 16.63 -7.16 41.88
N PRO A 221 17.88 -7.47 42.26
CA PRO A 221 18.36 -8.84 42.19
C PRO A 221 17.49 -9.77 43.03
N LYS A 222 17.25 -10.96 42.52
CA LYS A 222 16.37 -11.92 43.19
C LYS A 222 17.06 -12.59 44.38
N GLU B 1 0.77 -7.76 -13.77
CA GLU B 1 1.18 -6.96 -12.61
C GLU B 1 2.69 -6.75 -12.61
N ILE B 2 3.12 -5.49 -12.50
CA ILE B 2 4.54 -5.14 -12.56
C ILE B 2 5.14 -5.34 -11.17
N VAL B 3 5.82 -6.46 -10.97
CA VAL B 3 6.51 -6.71 -9.70
C VAL B 3 7.85 -6.01 -9.74
N LEU B 4 8.10 -5.15 -8.74
CA LEU B 4 9.34 -4.41 -8.63
C LEU B 4 10.21 -5.04 -7.56
N THR B 5 11.45 -5.35 -7.91
CA THR B 5 12.42 -5.90 -6.97
C THR B 5 13.54 -4.88 -6.77
N GLN B 6 13.98 -4.74 -5.53
CA GLN B 6 14.96 -3.73 -5.17
C GLN B 6 16.20 -4.41 -4.63
N SER B 7 17.36 -3.98 -5.12
CA SER B 7 18.60 -4.60 -4.69
C SER B 7 19.66 -3.56 -4.38
N PRO B 8 20.55 -3.86 -3.40
CA PRO B 8 20.30 -5.00 -2.52
C PRO B 8 19.26 -4.64 -1.46
N ALA B 9 18.80 -5.62 -0.68
CA ALA B 9 17.80 -5.33 0.34
C ALA B 9 18.35 -4.34 1.37
N THR B 10 19.61 -4.51 1.77
CA THR B 10 20.25 -3.61 2.73
C THR B 10 21.57 -3.10 2.16
N LEU B 11 21.94 -1.89 2.58
CA LEU B 11 23.18 -1.25 2.15
C LEU B 11 23.80 -0.56 3.35
N SER B 12 25.03 -0.93 3.70
CA SER B 12 25.74 -0.34 4.82
C SER B 12 26.82 0.58 4.26
N LEU B 13 26.70 1.88 4.56
CA LEU B 13 27.63 2.86 4.04
C LEU B 13 27.98 3.86 5.13
N SER B 14 29.13 4.50 4.98
CA SER B 14 29.51 5.57 5.88
C SER B 14 29.04 6.92 5.32
N PRO B 15 28.77 7.90 6.18
CA PRO B 15 28.45 9.24 5.67
C PRO B 15 29.58 9.80 4.81
N GLY B 16 29.22 10.47 3.73
CA GLY B 16 30.18 10.96 2.76
C GLY B 16 30.45 10.03 1.60
N GLU B 17 30.11 8.75 1.72
CA GLU B 17 30.18 7.84 0.59
C GLU B 17 29.01 8.09 -0.36
N GLY B 18 28.99 7.35 -1.45
CA GLY B 18 27.89 7.38 -2.39
C GLY B 18 27.05 6.12 -2.24
N ALA B 19 25.77 6.24 -2.57
CA ALA B 19 24.86 5.10 -2.56
C ALA B 19 24.27 4.92 -3.95
N SER B 20 24.19 3.66 -4.39
CA SER B 20 23.52 3.28 -5.63
C SER B 20 22.50 2.20 -5.31
N LEU B 21 21.25 2.46 -5.65
CA LEU B 21 20.13 1.59 -5.31
C LEU B 21 19.45 1.15 -6.60
N SER B 22 19.13 -0.14 -6.72
CA SER B 22 18.63 -0.70 -7.96
C SER B 22 17.16 -1.08 -7.83
N CYS B 23 16.39 -0.77 -8.88
CA CYS B 23 15.01 -1.20 -9.02
C CYS B 23 14.88 -1.90 -10.36
N ARG B 24 14.31 -3.11 -10.35
CA ARG B 24 14.08 -3.89 -11.55
C ARG B 24 12.60 -4.23 -11.64
N ALA B 25 12.00 -3.92 -12.78
CA ALA B 25 10.62 -4.28 -13.05
C ALA B 25 10.55 -5.61 -13.79
N SER B 26 9.49 -6.37 -13.51
CA SER B 26 9.28 -7.65 -14.18
C SER B 26 8.80 -7.48 -15.62
N GLN B 27 8.44 -6.27 -16.04
CA GLN B 27 8.07 -5.97 -17.41
C GLN B 27 8.27 -4.47 -17.61
N THR B 28 8.29 -4.06 -18.88
CA THR B 28 8.60 -2.68 -19.21
C THR B 28 7.68 -1.71 -18.47
N VAL B 29 8.26 -0.67 -17.90
CA VAL B 29 7.51 0.41 -17.28
C VAL B 29 7.27 1.47 -18.33
N ILE B 30 6.02 1.57 -18.80
CA ILE B 30 5.69 2.60 -19.78
C ILE B 30 5.24 3.91 -19.13
N GLY B 31 4.86 3.88 -17.86
CA GLY B 31 4.41 5.08 -17.17
C GLY B 31 5.54 5.85 -16.53
N SER B 32 5.44 6.09 -15.22
CA SER B 32 6.44 6.84 -14.48
C SER B 32 7.05 5.97 -13.39
N LEU B 33 8.37 6.07 -13.23
CA LEU B 33 9.10 5.38 -12.18
C LEU B 33 9.52 6.43 -11.15
N ALA B 34 9.19 6.18 -9.88
CA ALA B 34 9.39 7.16 -8.83
C ALA B 34 10.14 6.51 -7.67
N TRP B 35 10.88 7.36 -6.96
CA TRP B 35 11.64 6.96 -5.78
C TRP B 35 11.18 7.81 -4.59
N TYR B 36 10.90 7.12 -3.48
CA TYR B 36 10.46 7.70 -2.22
C TYR B 36 11.43 7.32 -1.11
N GLN B 37 11.59 8.22 -0.15
CA GLN B 37 12.33 7.99 1.08
C GLN B 37 11.37 7.98 2.26
N GLN B 38 11.53 7.01 3.15
CA GLN B 38 10.70 6.90 4.35
C GLN B 38 11.58 6.68 5.57
N LYS B 39 11.35 7.51 6.59
CA LYS B 39 11.91 7.42 7.93
C LYS B 39 10.90 6.79 8.86
N PRO B 40 11.33 6.23 9.99
CA PRO B 40 10.36 5.62 10.91
C PRO B 40 9.33 6.64 11.39
N GLY B 41 8.07 6.22 11.39
CA GLY B 41 7.00 7.03 11.92
C GLY B 41 6.54 8.19 11.06
N GLN B 42 7.06 8.31 9.84
CA GLN B 42 6.70 9.40 8.95
C GLN B 42 6.12 8.85 7.65
N ALA B 43 5.42 9.73 6.92
CA ALA B 43 4.95 9.40 5.59
C ALA B 43 6.12 9.34 4.61
N PRO B 44 5.97 8.59 3.52
CA PRO B 44 7.00 8.60 2.48
C PRO B 44 7.17 10.00 1.89
N ARG B 45 8.39 10.30 1.47
CA ARG B 45 8.72 11.58 0.86
C ARG B 45 9.17 11.35 -0.57
N LEU B 46 8.57 12.07 -1.52
CA LEU B 46 8.88 11.88 -2.92
C LEU B 46 10.24 12.49 -3.23
N LEU B 47 11.15 11.67 -3.77
CA LEU B 47 12.45 12.14 -4.22
C LEU B 47 12.51 12.32 -5.74
N ILE B 48 12.12 11.30 -6.50
CA ILE B 48 12.30 11.32 -7.94
C ILE B 48 11.03 10.84 -8.62
N TYR B 49 10.64 11.50 -9.71
CA TYR B 49 9.56 11.02 -10.57
C TYR B 49 10.04 10.97 -12.01
N GLY B 50 9.33 10.21 -12.84
CA GLY B 50 9.73 10.06 -14.23
C GLY B 50 11.13 9.50 -14.39
N ALA B 51 11.58 8.74 -13.39
CA ALA B 51 12.85 8.03 -13.31
C ALA B 51 14.05 8.96 -13.17
N SER B 52 13.91 10.23 -13.56
CA SER B 52 15.04 11.15 -13.48
C SER B 52 14.69 12.57 -13.02
N SER B 53 13.42 12.93 -12.89
CA SER B 53 13.02 14.27 -12.52
C SER B 53 13.01 14.39 -11.00
N ARG B 54 13.80 15.31 -10.47
CA ARG B 54 13.86 15.50 -9.01
C ARG B 54 12.69 16.35 -8.54
N ALA B 55 12.05 15.93 -7.46
CA ALA B 55 10.91 16.65 -6.93
C ALA B 55 11.34 17.99 -6.33
N THR B 56 10.38 18.91 -6.25
CA THR B 56 10.66 20.26 -5.78
C THR B 56 11.26 20.23 -4.38
N GLY B 57 12.34 20.99 -4.20
CA GLY B 57 13.00 21.09 -2.92
C GLY B 57 13.91 19.95 -2.56
N ILE B 58 13.95 18.88 -3.34
CA ILE B 58 14.81 17.74 -2.99
C ILE B 58 16.27 18.11 -3.27
N PRO B 59 17.19 17.85 -2.35
CA PRO B 59 18.60 18.19 -2.60
C PRO B 59 19.17 17.49 -3.83
N ASP B 60 20.05 18.20 -4.54
CA ASP B 60 20.52 17.71 -5.84
C ASP B 60 21.49 16.55 -5.71
N ARG B 61 21.89 16.16 -4.50
CA ARG B 61 22.66 14.93 -4.35
C ARG B 61 21.82 13.70 -4.64
N PHE B 62 20.51 13.83 -4.76
CA PHE B 62 19.63 12.76 -5.21
C PHE B 62 19.47 12.84 -6.73
N SER B 63 19.70 11.73 -7.41
CA SER B 63 19.40 11.67 -8.84
C SER B 63 18.88 10.28 -9.17
N GLY B 64 18.12 10.20 -10.26
CA GLY B 64 17.63 8.93 -10.74
C GLY B 64 17.94 8.76 -12.21
N SER B 65 17.92 7.50 -12.64
CA SER B 65 18.17 7.21 -14.05
C SER B 65 17.63 5.83 -14.38
N GLY B 66 17.53 5.55 -15.68
CA GLY B 66 17.12 4.25 -16.15
C GLY B 66 15.91 4.35 -17.05
N SER B 67 15.42 3.17 -17.45
CA SER B 67 14.28 3.04 -18.35
C SER B 67 13.93 1.57 -18.54
N GLY B 68 12.86 1.30 -19.29
CA GLY B 68 12.46 -0.06 -19.54
C GLY B 68 12.18 -0.80 -18.25
N THR B 69 13.09 -1.70 -17.89
CA THR B 69 12.91 -2.53 -16.70
C THR B 69 14.01 -2.32 -15.67
N ASP B 70 14.85 -1.30 -15.80
CA ASP B 70 15.97 -1.14 -14.88
C ASP B 70 16.20 0.32 -14.57
N PHE B 71 16.28 0.63 -13.28
CA PHE B 71 16.35 2.00 -12.79
C PHE B 71 17.27 2.04 -11.58
N THR B 72 17.97 3.15 -11.43
CA THR B 72 18.87 3.29 -10.30
C THR B 72 18.69 4.67 -9.70
N LEU B 73 18.77 4.72 -8.37
CA LEU B 73 18.79 5.96 -7.61
C LEU B 73 20.19 6.13 -7.03
N THR B 74 20.74 7.33 -7.16
CA THR B 74 22.09 7.62 -6.74
C THR B 74 22.07 8.78 -5.75
N ILE B 75 22.69 8.56 -4.60
CA ILE B 75 22.93 9.63 -3.63
C ILE B 75 24.43 9.88 -3.64
N SER B 76 24.81 11.06 -4.16
CA SER B 76 26.22 11.34 -4.42
C SER B 76 27.05 11.29 -3.14
N SER B 77 26.72 12.13 -2.16
CA SER B 77 27.42 12.15 -0.88
C SER B 77 26.38 12.04 0.22
N LEU B 78 26.53 11.02 1.07
CA LEU B 78 25.53 10.68 2.06
C LEU B 78 25.56 11.64 3.25
N GLU B 79 24.42 12.19 3.60
CA GLU B 79 24.26 12.97 4.82
C GLU B 79 23.67 12.09 5.92
N PRO B 80 23.86 12.46 7.19
CA PRO B 80 23.27 11.65 8.27
C PRO B 80 21.77 11.49 8.15
N GLU B 81 21.07 12.51 7.65
CA GLU B 81 19.62 12.40 7.49
C GLU B 81 19.21 11.44 6.37
N ASP B 82 20.15 10.97 5.56
CA ASP B 82 19.82 10.15 4.39
C ASP B 82 19.67 8.67 4.72
N PHE B 83 20.03 8.24 5.93
CA PHE B 83 19.95 6.83 6.28
C PHE B 83 18.51 6.50 6.64
N ALA B 84 17.84 5.78 5.74
CA ALA B 84 16.40 5.58 5.79
C ALA B 84 16.04 4.39 4.89
N VAL B 85 14.75 4.22 4.60
CA VAL B 85 14.31 3.21 3.64
C VAL B 85 13.90 3.90 2.35
N TYR B 86 14.16 3.24 1.22
CA TYR B 86 13.89 3.80 -0.09
C TYR B 86 13.07 2.84 -0.93
N TYR B 87 12.02 3.37 -1.56
CA TYR B 87 11.10 2.57 -2.36
C TYR B 87 11.08 3.09 -3.79
N CYS B 88 11.10 2.17 -4.76
CA CYS B 88 10.70 2.54 -6.09
C CYS B 88 9.22 2.18 -6.28
N GLN B 89 8.58 2.86 -7.23
CA GLN B 89 7.17 2.69 -7.48
C GLN B 89 6.86 3.04 -8.92
N GLN B 90 5.97 2.29 -9.55
CA GLN B 90 5.58 2.56 -10.93
C GLN B 90 4.13 3.04 -11.00
N TYR B 91 3.88 3.98 -11.90
CA TYR B 91 2.54 4.42 -12.24
C TYR B 91 2.30 4.18 -13.73
N GLY B 92 1.12 3.71 -14.06
CA GLY B 92 0.73 3.54 -15.45
C GLY B 92 0.10 2.19 -15.66
N ASN B 93 0.58 1.22 -14.90
CA ASN B 93 0.05 -0.14 -14.91
C ASN B 93 -0.71 -0.39 -13.63
N TRP B 94 -1.85 -1.09 -13.74
CA TRP B 94 -2.66 -1.35 -12.57
C TRP B 94 -2.59 -2.82 -12.20
N PRO B 95 -2.34 -3.15 -10.93
CA PRO B 95 -2.27 -2.17 -9.82
C PRO B 95 -1.01 -1.34 -9.77
N LEU B 96 -1.10 -0.16 -9.15
CA LEU B 96 0.10 0.59 -8.80
C LEU B 96 0.93 -0.24 -7.82
N THR B 97 2.24 -0.34 -8.08
CA THR B 97 3.09 -1.23 -7.31
C THR B 97 4.30 -0.50 -6.76
N PHE B 98 4.79 -1.01 -5.62
CA PHE B 98 5.98 -0.51 -4.96
C PHE B 98 7.01 -1.63 -4.89
N GLY B 99 8.28 -1.26 -4.80
CA GLY B 99 9.31 -2.20 -4.45
C GLY B 99 9.26 -2.54 -2.97
N PRO B 100 9.89 -3.64 -2.58
CA PRO B 100 9.94 -3.98 -1.14
C PRO B 100 10.81 -3.05 -0.33
N GLY B 101 11.62 -2.21 -0.97
CA GLY B 101 12.41 -1.21 -0.27
C GLY B 101 13.83 -1.65 -0.01
N THR B 102 14.75 -0.69 -0.06
CA THR B 102 16.14 -0.89 0.30
C THR B 102 16.44 -0.10 1.56
N ARG B 103 17.02 -0.77 2.55
CA ARG B 103 17.35 -0.15 3.83
C ARG B 103 18.81 0.28 3.83
N LEU B 104 19.05 1.55 4.15
CA LEU B 104 20.39 2.13 4.21
C LEU B 104 20.74 2.41 5.68
N ASP B 105 21.76 1.74 6.19
CA ASP B 105 22.23 1.96 7.54
C ASP B 105 23.69 2.39 7.55
N ILE B 106 24.13 2.92 8.68
CA ILE B 106 25.49 3.39 8.84
C ILE B 106 26.40 2.19 9.07
N ARG B 107 27.53 2.16 8.36
CA ARG B 107 28.54 1.13 8.56
C ARG B 107 29.51 1.55 9.64
N ARG B 108 29.94 0.58 10.44
CA ARG B 108 30.91 0.82 11.50
C ARG B 108 31.75 -0.44 11.69
N THR B 109 32.65 -0.40 12.66
CA THR B 109 33.45 -1.57 12.99
C THR B 109 32.57 -2.67 13.57
N VAL B 110 32.97 -3.93 13.32
CA VAL B 110 32.23 -5.07 13.83
C VAL B 110 32.16 -5.02 15.34
N ALA B 111 30.98 -5.31 15.89
CA ALA B 111 30.78 -5.36 17.33
C ALA B 111 30.02 -6.64 17.67
N ALA B 112 30.67 -7.56 18.38
CA ALA B 112 29.99 -8.75 18.83
C ALA B 112 28.97 -8.40 19.92
N PRO B 113 27.85 -9.12 19.97
CA PRO B 113 26.83 -8.79 20.98
C PRO B 113 27.26 -9.23 22.37
N SER B 114 26.77 -8.51 23.36
CA SER B 114 26.77 -9.00 24.74
C SER B 114 25.49 -9.80 24.93
N VAL B 115 25.60 -11.02 25.44
CA VAL B 115 24.45 -11.90 25.57
C VAL B 115 24.06 -11.99 27.03
N PHE B 116 22.75 -11.91 27.29
CA PHE B 116 22.20 -12.08 28.63
C PHE B 116 20.96 -12.96 28.55
N ILE B 117 20.79 -13.85 29.53
CA ILE B 117 19.62 -14.72 29.60
C ILE B 117 18.85 -14.41 30.88
N PHE B 118 17.53 -14.35 30.76
CA PHE B 118 16.63 -13.96 31.85
C PHE B 118 15.61 -15.06 32.05
N PRO B 119 15.55 -15.68 33.23
CA PRO B 119 14.51 -16.66 33.52
C PRO B 119 13.19 -15.97 33.80
N PRO B 120 12.07 -16.68 33.71
CA PRO B 120 10.78 -16.07 34.06
C PRO B 120 10.75 -15.69 35.54
N SER B 121 10.00 -14.63 35.83
CA SER B 121 9.79 -14.23 37.21
C SER B 121 8.82 -15.18 37.90
N ASP B 122 9.00 -15.33 39.21
CA ASP B 122 8.06 -16.14 39.98
C ASP B 122 6.65 -15.57 39.91
N GLU B 123 6.53 -14.24 39.82
CA GLU B 123 5.23 -13.61 39.68
C GLU B 123 4.53 -14.06 38.40
N GLN B 124 5.28 -14.12 37.29
CA GLN B 124 4.69 -14.63 36.05
C GLN B 124 4.33 -16.10 36.16
N LEU B 125 5.19 -16.89 36.82
CA LEU B 125 4.91 -18.32 36.99
C LEU B 125 3.61 -18.52 37.78
N LYS B 126 3.33 -17.65 38.74
CA LYS B 126 2.06 -17.75 39.46
C LYS B 126 0.86 -17.61 38.52
N SER B 127 1.03 -16.95 37.38
CA SER B 127 -0.06 -16.78 36.42
C SER B 127 -0.22 -17.97 35.48
N GLY B 128 0.76 -18.86 35.41
CA GLY B 128 0.66 -20.04 34.58
C GLY B 128 1.41 -20.02 33.28
N THR B 129 2.24 -19.00 33.03
CA THR B 129 3.04 -18.93 31.82
C THR B 129 4.47 -18.55 32.18
N ALA B 130 5.43 -18.97 31.35
CA ALA B 130 6.83 -18.66 31.55
C ALA B 130 7.38 -18.01 30.29
N SER B 131 8.11 -16.91 30.47
CA SER B 131 8.81 -16.22 29.40
C SER B 131 10.30 -16.23 29.72
N VAL B 132 11.11 -16.73 28.79
CA VAL B 132 12.56 -16.72 28.90
C VAL B 132 13.08 -15.73 27.87
N VAL B 133 13.90 -14.77 28.31
CA VAL B 133 14.29 -13.66 27.44
C VAL B 133 15.80 -13.71 27.23
N CYS B 134 16.21 -13.67 25.98
CA CYS B 134 17.62 -13.58 25.62
C CYS B 134 17.86 -12.23 24.95
N LEU B 135 18.85 -11.50 25.47
CA LEU B 135 19.19 -10.17 24.98
C LEU B 135 20.55 -10.20 24.33
N LEU B 136 20.61 -9.71 23.09
CA LEU B 136 21.85 -9.47 22.35
C LEU B 136 22.03 -7.96 22.31
N ASN B 137 23.02 -7.45 23.02
CA ASN B 137 23.16 -6.02 23.25
C ASN B 137 24.31 -5.44 22.46
N ASN B 138 24.02 -4.39 21.69
CA ASN B 138 25.00 -3.49 21.08
C ASN B 138 25.95 -4.22 20.13
N PHE B 139 25.37 -4.79 19.07
CA PHE B 139 26.14 -5.49 18.07
C PHE B 139 26.01 -4.83 16.71
N TYR B 140 27.01 -5.07 15.86
CA TYR B 140 27.02 -4.68 14.46
C TYR B 140 27.83 -5.69 13.68
N PRO B 141 27.36 -6.13 12.50
CA PRO B 141 26.13 -5.70 11.81
C PRO B 141 24.86 -6.35 12.33
N ARG B 142 23.71 -5.97 11.76
CA ARG B 142 22.43 -6.42 12.26
C ARG B 142 22.25 -7.94 12.17
N GLU B 143 22.85 -8.57 11.16
CA GLU B 143 22.70 -10.00 10.97
C GLU B 143 23.23 -10.78 12.17
N ALA B 144 22.38 -11.62 12.75
CA ALA B 144 22.78 -12.46 13.88
C ALA B 144 21.81 -13.62 13.99
N LYS B 145 22.27 -14.68 14.65
CA LYS B 145 21.52 -15.93 14.78
C LYS B 145 21.36 -16.28 16.25
N VAL B 146 20.13 -16.59 16.66
CA VAL B 146 19.80 -16.94 18.03
C VAL B 146 19.06 -18.27 18.03
N GLN B 147 19.58 -19.24 18.79
CA GLN B 147 19.00 -20.57 18.89
C GLN B 147 18.70 -20.89 20.34
N TRP B 148 17.50 -21.40 20.60
CA TRP B 148 17.12 -21.83 21.94
C TRP B 148 17.39 -23.31 22.11
N LYS B 149 17.90 -23.68 23.28
CA LYS B 149 18.18 -25.08 23.61
C LYS B 149 17.66 -25.37 25.00
N VAL B 150 16.71 -26.29 25.10
CA VAL B 150 16.14 -26.71 26.37
C VAL B 150 16.56 -28.16 26.62
N ASP B 151 17.31 -28.37 27.70
CA ASP B 151 17.89 -29.68 28.01
C ASP B 151 18.65 -30.23 26.81
N ASN B 152 19.41 -29.35 26.15
CA ASN B 152 20.23 -29.68 25.00
C ASN B 152 19.40 -30.09 23.78
N ALA B 153 18.15 -29.62 23.69
CA ALA B 153 17.29 -29.88 22.55
C ALA B 153 16.96 -28.55 21.87
N LEU B 154 17.26 -28.45 20.58
CA LEU B 154 16.94 -27.23 19.85
C LEU B 154 15.43 -27.02 19.79
N GLN B 155 15.02 -25.77 19.96
CA GLN B 155 13.61 -25.40 19.99
C GLN B 155 13.24 -24.62 18.74
N SER B 156 12.00 -24.80 18.29
CA SER B 156 11.49 -24.08 17.12
C SER B 156 9.99 -23.94 17.24
N GLY B 157 9.48 -22.76 16.86
CA GLY B 157 8.06 -22.50 16.81
C GLY B 157 7.51 -21.69 17.97
N ASN B 158 8.23 -21.61 19.09
CA ASN B 158 7.73 -20.91 20.27
C ASN B 158 8.67 -19.78 20.68
N SER B 159 9.17 -19.04 19.70
CA SER B 159 10.12 -17.96 19.95
C SER B 159 9.75 -16.76 19.11
N GLN B 160 9.88 -15.57 19.70
CA GLN B 160 9.58 -14.33 19.00
C GLN B 160 10.74 -13.36 19.15
N GLU B 161 11.08 -12.66 18.07
CA GLU B 161 12.26 -11.81 18.03
C GLU B 161 11.87 -10.36 17.79
N SER B 162 12.65 -9.45 18.37
CA SER B 162 12.45 -8.02 18.22
C SER B 162 13.81 -7.34 18.11
N VAL B 163 13.91 -6.33 17.26
CA VAL B 163 15.17 -5.64 17.01
C VAL B 163 14.96 -4.15 17.12
N THR B 164 15.84 -3.47 17.85
CA THR B 164 15.79 -2.02 17.92
C THR B 164 16.26 -1.39 16.62
N GLU B 165 15.96 -0.10 16.46
CA GLU B 165 16.53 0.63 15.35
C GLU B 165 17.99 0.93 15.62
N GLN B 166 18.73 1.21 14.55
CA GLN B 166 20.15 1.47 14.70
C GLN B 166 20.37 2.64 15.64
N ASP B 167 21.29 2.47 16.58
CA ASP B 167 21.49 3.48 17.60
C ASP B 167 22.08 4.76 17.00
N SER B 168 21.57 5.89 17.47
CA SER B 168 22.03 7.18 16.94
C SER B 168 23.47 7.46 17.35
N LYS B 169 23.93 6.97 18.50
CA LYS B 169 25.25 7.31 19.01
C LYS B 169 26.34 6.38 18.48
N ASP B 170 26.19 5.07 18.73
CA ASP B 170 27.23 4.12 18.36
C ASP B 170 26.87 3.26 17.16
N SER B 171 25.71 3.50 16.53
CA SER B 171 25.30 2.80 15.31
C SER B 171 25.22 1.29 15.48
N THR B 172 24.88 0.85 16.70
CA THR B 172 24.72 -0.57 16.97
C THR B 172 23.25 -0.97 16.96
N TYR B 173 23.02 -2.28 17.05
CA TYR B 173 21.69 -2.85 17.11
C TYR B 173 21.58 -3.69 18.39
N SER B 174 20.35 -3.83 18.87
CA SER B 174 20.05 -4.71 19.97
C SER B 174 18.87 -5.59 19.58
N LEU B 175 18.88 -6.81 20.10
CA LEU B 175 17.89 -7.83 19.79
C LEU B 175 17.41 -8.49 21.06
N SER B 176 16.14 -8.88 21.05
CA SER B 176 15.56 -9.70 22.09
C SER B 176 14.88 -10.90 21.45
N SER B 177 15.02 -12.06 22.07
CA SER B 177 14.33 -13.27 21.68
C SER B 177 13.61 -13.79 22.91
N THR B 178 12.30 -14.01 22.79
CA THR B 178 11.48 -14.43 23.90
C THR B 178 10.91 -15.81 23.60
N LEU B 179 11.21 -16.76 24.47
CA LEU B 179 10.68 -18.11 24.41
C LEU B 179 9.53 -18.20 25.40
N THR B 180 8.32 -18.43 24.88
CA THR B 180 7.12 -18.50 25.69
C THR B 180 6.68 -19.96 25.79
N LEU B 181 6.47 -20.43 27.02
CA LEU B 181 5.95 -21.78 27.17
C LEU B 181 5.11 -21.85 28.44
N SER B 182 4.17 -22.79 28.45
CA SER B 182 3.29 -22.96 29.60
C SER B 182 4.12 -23.30 30.84
N LYS B 183 3.53 -23.04 32.02
CA LYS B 183 4.22 -23.38 33.25
C LYS B 183 4.44 -24.89 33.33
N ALA B 184 3.48 -25.67 32.87
CA ALA B 184 3.64 -27.12 32.88
C ALA B 184 4.88 -27.54 32.10
N ASP B 185 5.03 -27.06 30.86
CA ASP B 185 6.20 -27.41 30.07
C ASP B 185 7.48 -26.83 30.68
N TYR B 186 7.39 -25.68 31.33
CA TYR B 186 8.59 -25.03 31.85
C TYR B 186 9.21 -25.83 32.99
N GLU B 187 8.37 -26.45 33.84
CA GLU B 187 8.88 -27.22 34.96
C GLU B 187 9.30 -28.63 34.58
N LYS B 188 9.08 -29.05 33.33
CA LYS B 188 9.51 -30.36 32.86
C LYS B 188 10.99 -30.42 32.52
N HIS B 189 11.69 -29.29 32.51
CA HIS B 189 13.05 -29.23 32.02
C HIS B 189 13.93 -28.46 33.00
N LYS B 190 15.24 -28.57 32.81
CA LYS B 190 16.21 -27.98 33.73
C LYS B 190 17.09 -26.92 33.09
N VAL B 191 17.75 -27.23 31.98
CA VAL B 191 18.75 -26.35 31.37
C VAL B 191 18.09 -25.53 30.27
N TYR B 192 18.18 -24.20 30.39
CA TYR B 192 17.66 -23.29 29.36
C TYR B 192 18.84 -22.47 28.83
N ALA B 193 19.07 -22.54 27.53
CA ALA B 193 20.27 -21.98 26.93
C ALA B 193 19.94 -21.18 25.67
N CYS B 194 20.69 -20.11 25.48
CA CYS B 194 20.59 -19.22 24.34
C CYS B 194 21.95 -19.23 23.64
N GLU B 195 21.95 -19.60 22.36
CA GLU B 195 23.16 -19.73 21.58
C GLU B 195 23.17 -18.66 20.49
N VAL B 196 24.24 -17.87 20.45
CA VAL B 196 24.31 -16.67 19.63
C VAL B 196 25.47 -16.83 18.65
N THR B 197 25.16 -16.69 17.37
CA THR B 197 26.15 -16.70 16.30
C THR B 197 26.17 -15.31 15.65
N HIS B 198 27.37 -14.75 15.49
CA HIS B 198 27.52 -13.40 14.97
C HIS B 198 28.92 -13.25 14.41
N GLN B 199 29.06 -12.37 13.41
CA GLN B 199 30.35 -12.20 12.74
C GLN B 199 31.45 -11.79 13.72
N GLY B 200 31.08 -11.08 14.79
CA GLY B 200 32.05 -10.68 15.79
C GLY B 200 32.45 -11.75 16.78
N LEU B 201 31.89 -12.95 16.67
CA LEU B 201 32.24 -14.07 17.53
C LEU B 201 32.94 -15.15 16.71
N SER B 202 34.12 -15.57 17.17
CA SER B 202 34.85 -16.65 16.50
C SER B 202 34.14 -17.98 16.69
N SER B 203 33.48 -18.18 17.82
CA SER B 203 32.68 -19.36 18.11
C SER B 203 31.38 -18.89 18.75
N PRO B 204 30.29 -19.65 18.60
CA PRO B 204 29.01 -19.22 19.17
C PRO B 204 29.10 -19.08 20.69
N VAL B 205 28.35 -18.12 21.22
CA VAL B 205 28.34 -17.83 22.65
C VAL B 205 27.03 -18.33 23.23
N THR B 206 27.11 -19.07 24.34
CA THR B 206 25.93 -19.62 24.97
C THR B 206 25.76 -19.06 26.38
N LYS B 207 24.57 -18.57 26.68
CA LYS B 207 24.19 -18.14 28.02
C LYS B 207 23.04 -19.02 28.49
N SER B 208 23.18 -19.59 29.69
CA SER B 208 22.24 -20.62 30.13
C SER B 208 22.00 -20.52 31.62
N PHE B 209 20.96 -21.21 32.08
CA PHE B 209 20.63 -21.30 33.49
C PHE B 209 19.91 -22.61 33.78
N ASN B 210 19.85 -22.96 35.07
CA ASN B 210 19.17 -24.15 35.55
C ASN B 210 17.96 -23.74 36.37
N ARG B 211 16.80 -24.33 36.05
CA ARG B 211 15.51 -23.91 36.60
C ARG B 211 15.38 -24.05 38.12
N LEU C 3 -20.60 -22.48 -29.62
CA LEU C 3 -19.99 -21.53 -28.70
C LEU C 3 -19.99 -20.12 -29.29
N CYS C 4 -20.30 -19.14 -28.44
CA CYS C 4 -20.37 -17.76 -28.88
C CYS C 4 -18.97 -17.19 -29.13
N PRO C 5 -18.83 -16.29 -30.13
CA PRO C 5 -17.55 -15.64 -30.43
C PRO C 5 -17.28 -14.41 -29.56
N PHE C 6 -17.58 -14.53 -28.26
CA PHE C 6 -17.33 -13.44 -27.33
C PHE C 6 -15.85 -13.15 -27.18
N GLY C 7 -14.98 -14.13 -27.44
CA GLY C 7 -13.56 -13.89 -27.36
C GLY C 7 -13.07 -12.86 -28.35
N GLU C 8 -13.56 -12.93 -29.59
CA GLU C 8 -13.10 -11.99 -30.61
C GLU C 8 -13.74 -10.62 -30.47
N VAL C 9 -14.69 -10.44 -29.55
CA VAL C 9 -15.20 -9.12 -29.22
C VAL C 9 -14.34 -8.51 -28.13
N PHE C 10 -14.28 -9.19 -26.98
CA PHE C 10 -13.56 -8.64 -25.82
C PHE C 10 -12.06 -8.64 -26.03
N ASN C 11 -11.51 -9.72 -26.62
CA ASN C 11 -10.08 -9.89 -26.75
C ASN C 11 -9.56 -9.47 -28.13
N ALA C 12 -10.29 -8.60 -28.83
CA ALA C 12 -9.81 -8.09 -30.11
C ALA C 12 -8.55 -7.28 -29.92
N THR C 13 -7.60 -7.42 -30.85
CA THR C 13 -6.32 -6.73 -30.72
C THR C 13 -6.50 -5.22 -30.75
N ARG C 14 -7.32 -4.72 -31.68
CA ARG C 14 -7.59 -3.29 -31.76
C ARG C 14 -9.09 -3.02 -31.62
N PHE C 15 -9.41 -1.85 -31.09
CA PHE C 15 -10.79 -1.44 -30.85
C PHE C 15 -11.09 -0.19 -31.67
N ALA C 16 -12.35 -0.02 -32.04
CA ALA C 16 -12.77 1.11 -32.84
C ALA C 16 -12.78 2.39 -32.02
N SER C 17 -12.64 3.52 -32.71
CA SER C 17 -12.94 4.81 -32.11
C SER C 17 -14.43 4.87 -31.77
N VAL C 18 -14.76 5.68 -30.77
CA VAL C 18 -16.14 5.67 -30.26
C VAL C 18 -17.12 6.19 -31.32
N TYR C 19 -16.71 7.20 -32.10
CA TYR C 19 -17.61 7.74 -33.12
C TYR C 19 -17.90 6.70 -34.20
N ALA C 20 -16.98 5.77 -34.42
CA ALA C 20 -17.13 4.71 -35.41
C ALA C 20 -17.20 3.35 -34.72
N TRP C 21 -18.01 3.27 -33.66
CA TRP C 21 -18.03 2.10 -32.79
C TRP C 21 -18.45 0.86 -33.56
N ASN C 22 -17.90 -0.28 -33.15
CA ASN C 22 -18.16 -1.54 -33.83
C ASN C 22 -19.38 -2.23 -33.24
N ARG C 23 -20.06 -3.01 -34.07
CA ARG C 23 -21.21 -3.81 -33.65
C ARG C 23 -21.08 -5.20 -34.26
N LYS C 24 -21.02 -6.22 -33.40
CA LYS C 24 -21.02 -7.61 -33.83
C LYS C 24 -22.36 -8.23 -33.51
N ARG C 25 -22.95 -8.91 -34.49
CA ARG C 25 -24.20 -9.62 -34.31
C ARG C 25 -23.91 -11.03 -33.81
N ILE C 26 -24.84 -11.52 -32.99
CA ILE C 26 -24.70 -12.81 -32.32
C ILE C 26 -25.98 -13.60 -32.58
N SER C 27 -25.85 -14.68 -33.35
CA SER C 27 -26.91 -15.63 -33.64
C SER C 27 -26.35 -17.03 -33.40
N ASN C 28 -27.26 -18.01 -33.35
CA ASN C 28 -26.91 -19.40 -33.03
C ASN C 28 -26.22 -19.38 -31.67
N CYS C 29 -25.10 -20.10 -31.51
CA CYS C 29 -24.22 -19.99 -30.34
C CYS C 29 -24.86 -20.46 -29.03
N VAL C 30 -24.02 -20.86 -28.08
CA VAL C 30 -24.40 -21.07 -26.70
C VAL C 30 -23.52 -20.17 -25.84
N ALA C 31 -24.15 -19.34 -25.01
CA ALA C 31 -23.46 -18.28 -24.29
C ALA C 31 -23.53 -18.50 -22.79
N ASP C 32 -22.39 -18.36 -22.12
CA ASP C 32 -22.28 -18.49 -20.67
C ASP C 32 -21.94 -17.11 -20.12
N TYR C 33 -22.97 -16.37 -19.69
CA TYR C 33 -22.77 -15.00 -19.22
C TYR C 33 -22.13 -14.96 -17.84
N SER C 34 -22.35 -15.98 -17.03
CA SER C 34 -21.68 -16.04 -15.72
C SER C 34 -20.17 -16.18 -15.89
N VAL C 35 -19.71 -16.93 -16.89
CA VAL C 35 -18.29 -17.01 -17.19
C VAL C 35 -17.75 -15.64 -17.61
N LEU C 36 -18.52 -14.91 -18.42
CA LEU C 36 -18.14 -13.56 -18.81
C LEU C 36 -17.99 -12.66 -17.59
N TYR C 37 -18.92 -12.75 -16.64
CA TYR C 37 -18.77 -12.03 -15.38
C TYR C 37 -17.50 -12.46 -14.66
N ASN C 38 -17.25 -13.77 -14.62
CA ASN C 38 -16.15 -14.33 -13.83
C ASN C 38 -14.80 -14.22 -14.51
N SER C 39 -14.72 -13.60 -15.69
CA SER C 39 -13.41 -13.25 -16.24
C SER C 39 -12.63 -12.35 -15.29
N ALA C 40 -13.33 -11.62 -14.41
CA ALA C 40 -12.75 -10.91 -13.26
C ALA C 40 -11.68 -9.89 -13.67
N SER C 41 -11.74 -9.39 -14.90
CA SER C 41 -10.78 -8.40 -15.37
C SER C 41 -11.47 -7.09 -15.75
N PHE C 42 -12.61 -6.81 -15.12
CA PHE C 42 -13.47 -5.69 -15.52
C PHE C 42 -13.60 -4.68 -14.41
N SER C 43 -13.32 -3.42 -14.74
CA SER C 43 -13.54 -2.33 -13.81
C SER C 43 -15.02 -1.99 -13.68
N THR C 44 -15.79 -2.20 -14.74
CA THR C 44 -17.21 -1.85 -14.76
C THR C 44 -17.98 -2.99 -15.40
N PHE C 45 -18.99 -3.51 -14.70
CA PHE C 45 -19.89 -4.52 -15.25
C PHE C 45 -21.29 -4.23 -14.69
N LYS C 46 -22.06 -3.41 -15.41
CA LYS C 46 -23.36 -2.95 -14.94
C LYS C 46 -24.43 -3.43 -15.90
N CYS C 47 -25.41 -4.16 -15.40
CA CYS C 47 -26.49 -4.69 -16.22
C CYS C 47 -27.80 -3.99 -15.87
N TYR C 48 -28.53 -3.58 -16.90
CA TYR C 48 -29.82 -2.91 -16.76
C TYR C 48 -30.91 -3.82 -17.33
N GLY C 49 -31.94 -4.08 -16.54
CA GLY C 49 -33.08 -4.84 -16.99
C GLY C 49 -32.95 -6.34 -16.87
N VAL C 50 -31.76 -6.86 -16.55
CA VAL C 50 -31.54 -8.29 -16.38
C VAL C 50 -30.27 -8.47 -15.59
N SER C 51 -30.19 -9.58 -14.83
CA SER C 51 -28.99 -9.89 -14.07
C SER C 51 -28.14 -10.90 -14.83
N PRO C 52 -26.83 -10.91 -14.62
CA PRO C 52 -25.97 -11.86 -15.36
C PRO C 52 -26.30 -13.31 -15.07
N THR C 53 -26.89 -13.62 -13.92
CA THR C 53 -27.23 -14.98 -13.54
C THR C 53 -28.62 -15.40 -13.99
N LYS C 54 -29.26 -14.63 -14.87
CA LYS C 54 -30.58 -14.94 -15.39
C LYS C 54 -30.58 -15.26 -16.87
N LEU C 55 -29.64 -14.74 -17.63
CA LEU C 55 -29.61 -14.98 -19.07
C LEU C 55 -29.17 -16.40 -19.40
N ASN C 56 -28.42 -17.04 -18.51
CA ASN C 56 -27.91 -18.39 -18.77
C ASN C 56 -29.03 -19.42 -18.85
N PHE C 60 -31.98 -15.87 -26.99
CA PHE C 60 -32.64 -14.79 -27.73
C PHE C 60 -32.46 -14.98 -29.23
N THR C 61 -33.12 -14.12 -30.01
CA THR C 61 -32.94 -14.12 -31.45
C THR C 61 -31.60 -13.50 -31.84
N ASN C 62 -31.38 -12.25 -31.42
CA ASN C 62 -30.15 -11.54 -31.75
C ASN C 62 -29.53 -10.96 -30.48
N VAL C 63 -28.20 -11.02 -30.40
CA VAL C 63 -27.46 -10.31 -29.37
C VAL C 63 -26.45 -9.39 -30.05
N TYR C 64 -26.44 -8.12 -29.67
CA TYR C 64 -25.56 -7.14 -30.27
C TYR C 64 -24.45 -6.80 -29.28
N ALA C 65 -23.20 -6.88 -29.75
CA ALA C 65 -22.04 -6.52 -28.94
C ALA C 65 -21.36 -5.32 -29.61
N ASP C 66 -21.55 -4.15 -29.02
CA ASP C 66 -20.93 -2.92 -29.50
C ASP C 66 -19.64 -2.70 -28.72
N SER C 67 -18.58 -2.34 -29.42
CA SER C 67 -17.30 -2.17 -28.76
C SER C 67 -16.62 -0.89 -29.25
N PHE C 68 -15.91 -0.25 -28.34
CA PHE C 68 -15.20 1.00 -28.64
C PHE C 68 -14.27 1.33 -27.48
N VAL C 69 -13.63 2.50 -27.56
CA VAL C 69 -12.69 2.97 -26.56
C VAL C 69 -13.04 4.41 -26.21
N ILE C 70 -13.07 4.73 -24.93
CA ILE C 70 -13.25 6.10 -24.45
C ILE C 70 -12.26 6.35 -23.33
N ARG C 71 -12.30 7.55 -22.75
CA ARG C 71 -11.52 7.75 -21.53
C ARG C 71 -12.36 7.37 -20.31
N GLY C 72 -11.69 7.22 -19.18
CA GLY C 72 -12.34 6.63 -18.01
C GLY C 72 -13.56 7.40 -17.55
N ASP C 73 -13.43 8.73 -17.42
CA ASP C 73 -14.50 9.55 -16.88
C ASP C 73 -15.76 9.52 -17.74
N GLU C 74 -15.65 9.07 -18.99
CA GLU C 74 -16.80 9.00 -19.88
C GLU C 74 -17.49 7.64 -19.85
N VAL C 75 -16.95 6.66 -19.11
CA VAL C 75 -17.61 5.36 -19.02
C VAL C 75 -19.00 5.51 -18.41
N ARG C 76 -19.16 6.44 -17.46
CA ARG C 76 -20.48 6.67 -16.87
C ARG C 76 -21.48 7.16 -17.90
N GLN C 77 -21.03 7.77 -19.00
CA GLN C 77 -21.94 8.21 -20.04
C GLN C 77 -22.53 7.05 -20.83
N ILE C 78 -21.97 5.85 -20.73
CA ILE C 78 -22.53 4.68 -21.44
C ILE C 78 -23.54 4.06 -20.48
N ALA C 79 -24.72 4.66 -20.46
CA ALA C 79 -25.78 4.31 -19.51
C ALA C 79 -27.08 4.97 -19.94
N PRO C 80 -28.23 4.34 -19.69
CA PRO C 80 -29.50 4.95 -20.10
C PRO C 80 -29.70 6.30 -19.42
N GLY C 81 -30.24 7.25 -20.18
CA GLY C 81 -30.57 8.55 -19.65
C GLY C 81 -29.39 9.45 -19.37
N GLN C 82 -28.19 9.08 -19.81
CA GLN C 82 -27.00 9.86 -19.52
C GLN C 82 -26.79 10.95 -20.57
N THR C 83 -26.03 11.97 -20.18
CA THR C 83 -25.76 13.12 -21.04
C THR C 83 -24.27 13.44 -21.03
N GLY C 84 -23.84 14.12 -22.09
CA GLY C 84 -22.43 14.46 -22.24
C GLY C 84 -21.92 14.27 -23.65
N LYS C 85 -20.64 14.55 -23.88
CA LYS C 85 -20.11 14.55 -25.24
C LYS C 85 -20.25 13.18 -25.90
N ILE C 86 -19.90 12.11 -25.17
CA ILE C 86 -19.99 10.77 -25.74
C ILE C 86 -21.44 10.36 -25.92
N ALA C 87 -22.27 10.62 -24.89
CA ALA C 87 -23.67 10.21 -24.96
C ALA C 87 -24.42 10.98 -26.04
N ASP C 88 -24.09 12.25 -26.24
CA ASP C 88 -24.82 13.07 -27.20
C ASP C 88 -24.31 12.92 -28.63
N TYR C 89 -22.99 12.84 -28.84
CA TYR C 89 -22.45 12.95 -30.19
C TYR C 89 -21.80 11.67 -30.71
N ASN C 90 -21.55 10.67 -29.85
CA ASN C 90 -20.78 9.51 -30.28
C ASN C 90 -21.53 8.19 -30.10
N TYR C 91 -22.14 7.95 -28.95
CA TYR C 91 -22.81 6.67 -28.70
C TYR C 91 -23.89 6.89 -27.66
N LYS C 92 -25.14 6.63 -28.04
CA LYS C 92 -26.29 6.89 -27.19
C LYS C 92 -27.02 5.58 -26.88
N LEU C 93 -27.33 5.37 -25.60
CA LEU C 93 -28.11 4.22 -25.20
C LEU C 93 -29.58 4.63 -25.00
N PRO C 94 -30.52 3.76 -25.33
CA PRO C 94 -31.93 4.08 -25.09
C PRO C 94 -32.27 4.07 -23.61
N ASP C 95 -33.32 4.82 -23.26
CA ASP C 95 -33.75 4.88 -21.88
C ASP C 95 -34.23 3.52 -21.37
N ASP C 96 -34.87 2.73 -22.25
CA ASP C 96 -35.37 1.40 -21.90
C ASP C 96 -34.36 0.30 -22.18
N PHE C 97 -33.07 0.62 -22.10
CA PHE C 97 -32.01 -0.32 -22.45
C PHE C 97 -32.09 -1.57 -21.58
N THR C 98 -32.13 -2.73 -22.24
CA THR C 98 -32.06 -4.03 -21.58
C THR C 98 -30.77 -4.69 -22.05
N GLY C 99 -29.78 -4.76 -21.17
CA GLY C 99 -28.49 -5.30 -21.56
C GLY C 99 -27.45 -5.06 -20.48
N CYS C 100 -26.20 -5.02 -20.91
CA CYS C 100 -25.09 -4.85 -19.98
C CYS C 100 -24.03 -3.95 -20.59
N VAL C 101 -23.34 -3.23 -19.71
CA VAL C 101 -22.23 -2.35 -20.09
C VAL C 101 -21.00 -2.84 -19.34
N ILE C 102 -19.94 -3.16 -20.09
CA ILE C 102 -18.71 -3.71 -19.54
C ILE C 102 -17.57 -2.80 -19.97
N ALA C 103 -16.70 -2.46 -19.04
CA ALA C 103 -15.57 -1.59 -19.32
C ALA C 103 -14.37 -2.06 -18.52
N TRP C 104 -13.19 -2.00 -19.15
CA TRP C 104 -11.95 -2.29 -18.44
C TRP C 104 -10.85 -1.35 -18.90
N ASN C 105 -9.99 -0.98 -17.94
CA ASN C 105 -8.88 -0.08 -18.22
C ASN C 105 -7.90 -0.75 -19.18
N SER C 106 -7.49 0.00 -20.21
CA SER C 106 -6.60 -0.54 -21.24
C SER C 106 -5.40 0.39 -21.45
N ASN C 107 -4.91 1.01 -20.37
CA ASN C 107 -3.76 1.90 -20.44
C ASN C 107 -2.52 1.15 -20.95
N ASN C 108 -2.46 -0.16 -20.71
CA ASN C 108 -1.31 -0.94 -21.17
C ASN C 108 -1.33 -1.16 -22.67
N LEU C 109 -2.52 -1.13 -23.29
CA LEU C 109 -2.69 -1.46 -24.70
C LEU C 109 -2.85 -0.22 -25.58
N ASP C 110 -3.73 0.71 -25.19
CA ASP C 110 -4.14 1.80 -26.05
C ASP C 110 -3.43 3.11 -25.71
N SER C 111 -2.27 3.04 -25.06
CA SER C 111 -1.50 4.21 -24.68
C SER C 111 -0.04 3.98 -25.04
N LYS C 112 0.64 5.05 -25.43
CA LYS C 112 2.05 4.95 -25.78
C LYS C 112 2.75 6.26 -25.40
N VAL C 113 4.05 6.14 -25.12
CA VAL C 113 4.85 7.31 -24.74
C VAL C 113 4.81 8.32 -25.88
N GLY C 114 4.58 9.59 -25.54
CA GLY C 114 4.39 10.62 -26.52
C GLY C 114 2.95 10.85 -26.93
N GLY C 115 2.05 9.96 -26.55
CA GLY C 115 0.64 10.10 -26.87
C GLY C 115 0.18 9.21 -28.01
N ASN C 116 -0.95 8.54 -27.81
CA ASN C 116 -1.64 7.81 -28.88
C ASN C 116 -2.82 8.66 -29.31
N TYR C 117 -2.76 9.17 -30.54
CA TYR C 117 -3.79 10.05 -31.09
C TYR C 117 -4.66 9.35 -32.12
N ASN C 118 -4.61 8.02 -32.19
CA ASN C 118 -5.41 7.30 -33.17
C ASN C 118 -6.89 7.27 -32.78
N TYR C 119 -7.19 7.24 -31.49
CA TYR C 119 -8.57 7.16 -31.02
C TYR C 119 -9.23 8.54 -31.07
N LEU C 120 -10.34 8.64 -31.79
CA LEU C 120 -11.02 9.91 -32.02
C LEU C 120 -12.43 9.87 -31.44
N TYR C 121 -12.98 11.07 -31.23
CA TYR C 121 -14.37 11.24 -30.83
C TYR C 121 -14.95 12.45 -31.56
N ARG C 122 -16.27 12.47 -31.68
CA ARG C 122 -16.95 13.60 -32.31
C ARG C 122 -17.16 14.70 -31.28
N LEU C 123 -16.56 15.87 -31.55
CA LEU C 123 -16.66 17.02 -30.67
C LEU C 123 -17.90 17.86 -30.95
N PHE C 124 -18.25 18.04 -32.22
CA PHE C 124 -19.32 18.92 -32.63
C PHE C 124 -20.37 18.18 -33.44
N ARG C 125 -21.62 18.58 -33.28
CA ARG C 125 -22.71 18.02 -34.08
C ARG C 125 -23.89 18.97 -34.04
N LYS C 126 -24.75 18.85 -35.07
CA LYS C 126 -25.93 19.71 -35.16
C LYS C 126 -27.01 19.30 -34.16
N SER C 127 -27.20 18.01 -33.95
CA SER C 127 -28.21 17.51 -33.02
C SER C 127 -27.67 16.27 -32.31
N ASN C 128 -28.40 15.86 -31.28
CA ASN C 128 -28.01 14.69 -30.50
C ASN C 128 -28.26 13.41 -31.27
N LEU C 129 -27.38 12.43 -31.06
CA LEU C 129 -27.53 11.11 -31.68
C LEU C 129 -28.79 10.43 -31.18
N LYS C 130 -29.49 9.75 -32.08
CA LYS C 130 -30.55 8.85 -31.69
C LYS C 130 -29.94 7.60 -31.07
N PRO C 131 -30.71 6.85 -30.27
CA PRO C 131 -30.17 5.62 -29.69
C PRO C 131 -29.65 4.66 -30.76
N PHE C 132 -28.44 4.13 -30.51
CA PHE C 132 -27.78 3.18 -31.40
C PHE C 132 -27.51 3.75 -32.79
N GLU C 133 -27.38 5.06 -32.89
CA GLU C 133 -27.02 5.72 -34.14
C GLU C 133 -25.51 5.78 -34.29
N ARG C 134 -25.02 5.65 -35.52
CA ARG C 134 -23.59 5.67 -35.81
C ARG C 134 -23.33 6.73 -36.86
N ASP C 135 -22.65 7.81 -36.47
CA ASP C 135 -22.36 8.94 -37.35
C ASP C 135 -20.86 8.96 -37.64
N ILE C 136 -20.49 8.71 -38.89
CA ILE C 136 -19.10 8.76 -39.32
C ILE C 136 -18.85 9.93 -40.28
N SER C 137 -19.73 10.92 -40.29
CA SER C 137 -19.55 12.07 -41.15
C SER C 137 -18.32 12.87 -40.76
N THR C 138 -17.63 13.41 -41.76
CA THR C 138 -16.44 14.23 -41.56
C THR C 138 -16.62 15.61 -42.20
N GLU C 139 -17.83 16.14 -42.16
CA GLU C 139 -18.11 17.46 -42.72
C GLU C 139 -17.77 18.55 -41.71
N ILE C 140 -17.25 19.67 -42.21
CA ILE C 140 -16.84 20.75 -41.32
C ILE C 140 -18.06 21.31 -40.62
N TYR C 141 -18.00 21.35 -39.29
CA TYR C 141 -19.10 21.89 -38.49
C TYR C 141 -19.19 23.40 -38.68
N GLN C 142 -20.41 23.89 -38.86
CA GLN C 142 -20.67 25.31 -39.00
C GLN C 142 -21.17 25.85 -37.66
N ALA C 143 -20.31 26.58 -36.95
CA ALA C 143 -20.64 27.17 -35.67
C ALA C 143 -21.05 28.63 -35.77
N GLY C 144 -21.10 29.18 -36.99
CA GLY C 144 -21.46 30.57 -37.17
C GLY C 144 -22.24 30.75 -38.46
N SER C 145 -22.63 32.00 -38.72
CA SER C 145 -23.45 32.29 -39.89
C SER C 145 -22.69 32.02 -41.19
N THR C 146 -21.37 32.10 -41.17
CA THR C 146 -20.58 31.92 -42.38
C THR C 146 -20.65 30.47 -42.84
N PRO C 147 -21.07 30.20 -44.08
CA PRO C 147 -21.04 28.82 -44.59
C PRO C 147 -19.62 28.32 -44.69
N CYS C 148 -19.37 27.16 -44.07
CA CYS C 148 -18.01 26.64 -43.97
C CYS C 148 -17.45 26.21 -45.32
N ASN C 149 -18.34 25.82 -46.26
CA ASN C 149 -17.92 25.27 -47.54
C ASN C 149 -17.07 24.02 -47.32
N GLY C 150 -15.75 24.16 -47.30
CA GLY C 150 -14.91 23.01 -47.06
C GLY C 150 -13.64 23.27 -46.26
N VAL C 151 -13.58 24.38 -45.53
CA VAL C 151 -12.37 24.77 -44.82
C VAL C 151 -12.73 25.08 -43.37
N GLU C 152 -11.71 25.14 -42.52
CA GLU C 152 -11.85 25.55 -41.14
C GLU C 152 -11.41 26.99 -40.95
N GLY C 153 -11.80 27.57 -39.81
CA GLY C 153 -11.47 28.95 -39.51
C GLY C 153 -12.39 29.55 -38.47
N PHE C 154 -12.88 30.76 -38.72
CA PHE C 154 -13.81 31.42 -37.81
C PHE C 154 -15.13 30.66 -37.82
N ASN C 155 -15.45 30.01 -36.69
CA ASN C 155 -16.67 29.21 -36.55
C ASN C 155 -16.76 28.12 -37.61
N CYS C 156 -15.61 27.53 -37.95
CA CYS C 156 -15.52 26.42 -38.89
C CYS C 156 -14.50 25.43 -38.35
N TYR C 157 -14.97 24.26 -37.90
CA TYR C 157 -14.09 23.29 -37.26
C TYR C 157 -14.29 21.90 -37.82
N PHE C 158 -13.22 21.12 -37.85
CA PHE C 158 -13.30 19.69 -38.10
C PHE C 158 -14.07 19.03 -36.96
N PRO C 159 -14.94 18.04 -37.27
CA PRO C 159 -15.84 17.53 -36.23
C PRO C 159 -15.22 16.50 -35.29
N LEU C 160 -14.01 16.00 -35.59
CA LEU C 160 -13.41 14.92 -34.82
C LEU C 160 -12.16 15.43 -34.10
N GLN C 161 -11.95 14.92 -32.89
CA GLN C 161 -10.82 15.29 -32.06
C GLN C 161 -10.13 14.03 -31.55
N SER C 162 -8.83 14.15 -31.28
CA SER C 162 -8.02 13.06 -30.77
C SER C 162 -8.04 13.03 -29.25
N TYR C 163 -7.97 11.81 -28.70
CA TYR C 163 -7.93 11.64 -27.25
C TYR C 163 -6.57 11.99 -26.68
N GLY C 164 -5.48 11.59 -27.34
CA GLY C 164 -4.16 11.83 -26.81
C GLY C 164 -3.87 11.03 -25.55
N PHE C 165 -3.73 9.71 -25.70
CA PHE C 165 -3.59 8.82 -24.55
C PHE C 165 -2.12 8.65 -24.21
N GLN C 166 -1.69 9.30 -23.12
CA GLN C 166 -0.34 9.12 -22.61
C GLN C 166 -0.35 8.19 -21.40
N PRO C 167 0.69 7.36 -21.24
CA PRO C 167 0.69 6.39 -20.13
C PRO C 167 0.59 7.02 -18.76
N THR C 168 1.11 8.23 -18.58
CA THR C 168 1.11 8.89 -17.29
C THR C 168 -0.16 9.68 -17.02
N ASN C 169 -1.15 9.58 -17.90
CA ASN C 169 -2.46 10.15 -17.63
C ASN C 169 -3.05 9.56 -16.35
N GLY C 170 -3.88 10.35 -15.68
CA GLY C 170 -4.65 9.83 -14.58
C GLY C 170 -5.74 8.88 -15.05
N VAL C 171 -6.32 8.15 -14.10
CA VAL C 171 -7.31 7.11 -14.44
C VAL C 171 -8.44 7.69 -15.28
N GLY C 172 -8.95 8.86 -14.89
CA GLY C 172 -10.06 9.46 -15.62
C GLY C 172 -9.73 9.83 -17.05
N TYR C 173 -8.43 9.90 -17.39
CA TYR C 173 -7.97 10.27 -18.72
C TYR C 173 -7.16 9.17 -19.37
N GLN C 174 -7.33 7.95 -18.93
CA GLN C 174 -6.70 6.79 -19.51
C GLN C 174 -7.68 6.07 -20.42
N PRO C 175 -7.18 5.27 -21.36
CA PRO C 175 -8.10 4.54 -22.26
C PRO C 175 -8.82 3.44 -21.51
N TYR C 176 -10.12 3.32 -21.80
CA TYR C 176 -10.97 2.25 -21.32
C TYR C 176 -11.66 1.62 -22.51
N ARG C 177 -11.62 0.30 -22.57
CA ARG C 177 -12.29 -0.46 -23.62
C ARG C 177 -13.66 -0.87 -23.12
N VAL C 178 -14.68 -0.64 -23.96
CA VAL C 178 -16.08 -0.81 -23.58
C VAL C 178 -16.74 -1.78 -24.54
N VAL C 179 -17.48 -2.74 -23.98
CA VAL C 179 -18.36 -3.64 -24.72
C VAL C 179 -19.76 -3.53 -24.14
N VAL C 180 -20.74 -3.28 -25.00
CA VAL C 180 -22.13 -3.15 -24.62
C VAL C 180 -22.90 -4.31 -25.26
N LEU C 181 -23.57 -5.10 -24.42
CA LEU C 181 -24.38 -6.21 -24.89
C LEU C 181 -25.84 -5.82 -24.83
N SER C 182 -26.54 -5.98 -25.95
CA SER C 182 -27.98 -5.76 -26.07
C SER C 182 -28.64 -7.07 -26.48
N PHE C 183 -29.80 -7.35 -25.90
CA PHE C 183 -30.50 -8.62 -26.12
C PHE C 183 -31.81 -8.33 -26.85
N GLU C 184 -31.80 -8.47 -28.17
CA GLU C 184 -32.96 -8.20 -29.00
C GLU C 184 -33.67 -9.51 -29.29
N LEU C 185 -34.91 -9.62 -28.83
CA LEU C 185 -35.76 -10.76 -29.13
C LEU C 185 -36.85 -10.32 -30.09
N LEU C 186 -37.06 -11.13 -31.13
CA LEU C 186 -38.06 -10.85 -32.16
C LEU C 186 -38.93 -12.08 -32.34
N HIS C 187 -39.98 -11.93 -33.16
CA HIS C 187 -40.84 -13.05 -33.53
C HIS C 187 -40.09 -13.91 -34.56
N ALA C 188 -39.09 -14.62 -34.06
CA ALA C 188 -38.12 -15.31 -34.90
C ALA C 188 -37.58 -16.50 -34.13
N PRO C 189 -36.82 -17.39 -34.78
CA PRO C 189 -36.19 -18.49 -34.05
C PRO C 189 -35.30 -17.99 -32.92
N ALA C 190 -35.32 -18.74 -31.81
CA ALA C 190 -34.57 -18.42 -30.61
C ALA C 190 -34.87 -17.01 -30.12
#